data_6MI4
#
_entry.id   6MI4
#
_cell.length_a   64.407
_cell.length_b   34.124
_cell.length_c   77.416
_cell.angle_alpha   90.000
_cell.angle_beta   113.890
_cell.angle_gamma   90.000
#
_symmetry.space_group_name_H-M   'P 1 21 1'
#
loop_
_entity.id
_entity.type
_entity.pdbx_description
1 polymer 'NF-kB ESSENTIAL MODULATOR'
2 water water
#
_entity_poly.entity_id   1
_entity_poly.type   'polypeptide(L)'
_entity_poly.pdbx_seq_one_letter_code
;GSWSVKELEDKNEELLSEIAHLKNEVARLKKLLQRCLAANQELRDA(MSE)RQSNQILRERAEELLHFQASQREEKEFL
(MSE)SKFQEARKLVERLGLEKLELEDKNEELLSEIAHLKNEVARLKKLVGER
;
_entity_poly.pdbx_strand_id   A,B
#
# COMPACT_ATOMS: atom_id res chain seq x y z
N SER A 2 86.27 -8.12 7.31
CA SER A 2 85.92 -7.79 5.93
C SER A 2 85.63 -6.30 5.78
N TRP A 3 84.81 -5.76 6.69
CA TRP A 3 84.35 -4.39 6.61
C TRP A 3 85.02 -3.53 7.67
N SER A 4 85.27 -2.27 7.33
CA SER A 4 85.91 -1.34 8.24
C SER A 4 84.90 -0.74 9.21
N VAL A 5 85.41 0.03 10.17
CA VAL A 5 84.54 0.69 11.14
C VAL A 5 83.67 1.74 10.44
N LYS A 6 84.25 2.47 9.49
CA LYS A 6 83.49 3.50 8.77
C LYS A 6 82.41 2.89 7.88
N GLU A 7 82.69 1.73 7.29
CA GLU A 7 81.68 1.08 6.46
C GLU A 7 80.51 0.56 7.30
N LEU A 8 80.80 0.01 8.48
CA LEU A 8 79.73 -0.46 9.36
C LEU A 8 78.91 0.70 9.91
N GLU A 9 79.52 1.86 10.10
CA GLU A 9 78.77 3.02 10.58
C GLU A 9 77.87 3.58 9.49
N ASP A 10 78.37 3.64 8.25
CA ASP A 10 77.55 4.10 7.14
C ASP A 10 76.37 3.16 6.90
N LYS A 11 76.60 1.85 6.98
CA LYS A 11 75.49 0.90 6.86
C LYS A 11 74.51 1.06 8.02
N ASN A 12 75.04 1.30 9.22
CA ASN A 12 74.17 1.59 10.36
C ASN A 12 73.32 2.81 10.10
N GLU A 13 73.92 3.87 9.56
CA GLU A 13 73.17 5.07 9.21
C GLU A 13 72.11 4.75 8.16
N GLU A 14 72.45 3.89 7.20
CA GLU A 14 71.49 3.50 6.16
C GLU A 14 70.31 2.73 6.75
N LEU A 15 70.60 1.76 7.63
CA LEU A 15 69.54 0.97 8.22
C LEU A 15 68.63 1.81 9.11
N LEU A 16 69.17 2.83 9.77
CA LEU A 16 68.36 3.69 10.63
C LEU A 16 67.38 4.51 9.81
N SER A 17 67.82 5.02 8.65
CA SER A 17 66.91 5.73 7.76
C SER A 17 65.86 4.79 7.19
N GLU A 18 66.19 3.51 7.05
CA GLU A 18 65.24 2.52 6.58
C GLU A 18 64.21 2.16 7.66
N ILE A 19 64.63 2.17 8.93
CA ILE A 19 63.69 1.94 10.02
C ILE A 19 62.72 3.12 10.14
N ALA A 20 63.22 4.34 9.94
CA ALA A 20 62.39 5.52 10.04
C ALA A 20 61.33 5.55 8.95
N HIS A 21 61.69 5.13 7.73
CA HIS A 21 60.72 5.12 6.64
CA HIS A 21 60.72 5.12 6.64
C HIS A 21 59.64 4.08 6.88
N LEU A 22 60.04 2.86 7.29
CA LEU A 22 59.06 1.81 7.54
C LEU A 22 58.12 2.18 8.69
N LYS A 23 58.61 2.94 9.66
CA LYS A 23 57.77 3.34 10.78
C LYS A 23 56.74 4.38 10.36
N ASN A 24 57.08 5.23 9.39
CA ASN A 24 56.09 6.16 8.85
C ASN A 24 55.05 5.43 8.01
N GLU A 25 55.42 4.30 7.38
CA GLU A 25 54.45 3.50 6.65
C GLU A 25 53.46 2.83 7.60
N VAL A 26 53.96 2.28 8.71
CA VAL A 26 53.08 1.63 9.67
C VAL A 26 52.08 2.62 10.25
N ALA A 27 52.55 3.83 10.59
CA ALA A 27 51.66 4.83 11.16
C ALA A 27 50.68 5.36 10.12
N ARG A 28 51.08 5.39 8.85
CA ARG A 28 50.16 5.82 7.80
C ARG A 28 49.11 4.74 7.52
N LEU A 29 49.53 3.48 7.50
CA LEU A 29 48.60 2.39 7.23
C LEU A 29 47.65 2.15 8.40
N LYS A 30 48.04 2.52 9.62
CA LYS A 30 47.12 2.42 10.75
C LYS A 30 46.09 3.53 10.74
N LYS A 31 46.46 4.72 10.26
CA LYS A 31 45.49 5.80 10.11
C LYS A 31 44.49 5.48 9.01
N LEU A 32 44.97 4.86 7.93
CA LEU A 32 44.07 4.46 6.84
C LEU A 32 43.11 3.36 7.29
N LEU A 33 43.64 2.33 7.97
CA LEU A 33 42.79 1.23 8.41
C LEU A 33 41.77 1.68 9.43
N GLN A 34 42.10 2.66 10.27
CA GLN A 34 41.15 3.12 11.29
C GLN A 34 40.00 3.90 10.65
N ARG A 35 40.28 4.65 9.59
CA ARG A 35 39.21 5.36 8.90
C ARG A 35 38.33 4.40 8.11
N CYS A 36 38.94 3.38 7.49
CA CYS A 36 38.18 2.42 6.71
C CYS A 36 37.29 1.56 7.62
N LEU A 37 37.78 1.20 8.81
CA LEU A 37 36.95 0.47 9.76
C LEU A 37 35.81 1.35 10.27
N ALA A 38 36.07 2.65 10.46
CA ALA A 38 35.02 3.56 10.86
C ALA A 38 34.01 3.78 9.74
N ALA A 39 34.49 3.81 8.50
CA ALA A 39 33.59 3.93 7.36
C ALA A 39 32.72 2.68 7.21
N ASN A 40 33.28 1.51 7.51
CA ASN A 40 32.52 0.27 7.48
C ASN A 40 31.42 0.27 8.55
N GLN A 41 31.66 0.93 9.68
CA GLN A 41 30.65 0.99 10.73
C GLN A 41 29.49 1.89 10.33
N GLU A 42 29.78 3.00 9.64
CA GLU A 42 28.70 3.88 9.17
C GLU A 42 27.87 3.20 8.09
N LEU A 43 28.50 2.39 7.24
CA LEU A 43 27.76 1.68 6.21
C LEU A 43 26.90 0.57 6.82
N ARG A 44 27.40 -0.08 7.88
CA ARG A 44 26.66 -1.16 8.52
C ARG A 44 25.52 -0.64 9.39
N ASP A 45 25.67 0.56 9.97
CA ASP A 45 24.58 1.15 10.73
C ASP A 45 23.48 1.67 9.82
N ALA A 46 23.84 2.16 8.63
CA ALA A 46 22.84 2.66 7.69
C ALA A 46 22.15 1.53 6.94
N ARG A 48 21.65 -1.39 8.25
CA ARG A 48 20.76 -1.95 9.26
C ARG A 48 19.43 -1.20 9.31
N GLN A 49 19.50 0.12 9.15
CA GLN A 49 18.29 0.94 9.18
C GLN A 49 17.45 0.71 7.93
N SER A 50 18.09 0.54 6.78
CA SER A 50 17.34 0.27 5.54
C SER A 50 16.54 -1.02 5.66
N ASN A 51 17.16 -2.07 6.21
CA ASN A 51 16.44 -3.33 6.41
C ASN A 51 15.38 -3.20 7.48
N GLN A 52 15.62 -2.35 8.48
CA GLN A 52 14.69 -2.17 9.58
C GLN A 52 13.48 -1.35 9.16
N ILE A 53 13.68 -0.32 8.33
CA ILE A 53 12.53 0.41 7.80
C ILE A 53 11.78 -0.44 6.78
N LEU A 54 12.51 -1.23 5.98
CA LEU A 54 11.87 -2.10 5.00
C LEU A 54 11.04 -3.19 5.68
N ARG A 55 11.43 -3.61 6.88
CA ARG A 55 10.64 -4.60 7.61
C ARG A 55 9.44 -3.95 8.28
N GLU A 56 9.62 -2.73 8.81
CA GLU A 56 8.52 -2.01 9.43
C GLU A 56 7.44 -1.68 8.40
N ARG A 57 7.83 -1.23 7.21
CA ARG A 57 6.84 -0.85 6.21
C ARG A 57 6.13 -2.06 5.62
N ALA A 58 6.75 -3.24 5.64
CA ALA A 58 6.12 -4.44 5.12
C ALA A 58 5.09 -5.03 6.09
N GLU A 59 5.27 -4.80 7.40
CA GLU A 59 4.32 -5.31 8.37
C GLU A 59 3.11 -4.41 8.52
N GLU A 60 3.29 -3.09 8.39
CA GLU A 60 2.16 -2.18 8.40
C GLU A 60 1.38 -2.19 7.09
N LEU A 61 2.01 -2.63 6.00
CA LEU A 61 1.29 -2.79 4.75
C LEU A 61 0.41 -4.03 4.75
N LEU A 62 0.82 -5.07 5.48
CA LEU A 62 0.01 -6.28 5.55
C LEU A 62 -1.28 -6.04 6.34
N HIS A 63 -1.20 -5.22 7.40
CA HIS A 63 -2.40 -4.90 8.16
C HIS A 63 -3.25 -3.86 7.45
N PHE A 64 -2.65 -3.03 6.60
CA PHE A 64 -3.42 -2.05 5.83
C PHE A 64 -4.21 -2.73 4.72
N GLN A 65 -3.61 -3.71 4.04
CA GLN A 65 -4.32 -4.44 3.00
C GLN A 65 -5.49 -5.22 3.58
N ALA A 66 -5.32 -5.77 4.78
CA ALA A 66 -6.41 -6.48 5.43
C ALA A 66 -7.55 -5.55 5.81
N SER A 67 -7.22 -4.30 6.14
CA SER A 67 -8.26 -3.32 6.44
C SER A 67 -8.94 -2.81 5.18
N GLN A 68 -8.18 -2.64 4.09
CA GLN A 68 -8.80 -2.29 2.82
C GLN A 68 -9.74 -3.39 2.33
N ARG A 69 -9.38 -4.65 2.58
CA ARG A 69 -10.27 -5.76 2.24
C ARG A 69 -11.51 -5.75 3.11
N GLU A 70 -11.40 -5.28 4.35
CA GLU A 70 -12.55 -5.26 5.25
C GLU A 70 -13.50 -4.13 4.89
N GLU A 71 -12.97 -3.01 4.39
CA GLU A 71 -13.79 -1.90 3.94
C GLU A 71 -14.38 -2.13 2.55
N LYS A 72 -13.66 -2.85 1.69
CA LYS A 72 -14.15 -3.10 0.34
C LYS A 72 -15.29 -4.13 0.35
N GLU A 73 -15.25 -5.07 1.30
CA GLU A 73 -16.31 -6.06 1.41
C GLU A 73 -17.60 -5.45 1.93
N PHE A 74 -17.47 -4.45 2.82
CA PHE A 74 -18.61 -3.90 3.51
C PHE A 74 -19.33 -2.86 2.66
N LEU A 75 -18.59 -2.11 1.86
CA LEU A 75 -19.23 -1.19 0.93
C LEU A 75 -19.86 -1.94 -0.24
N SER A 77 -21.19 -4.98 -0.08
CA SER A 77 -22.42 -5.63 0.35
C SER A 77 -23.54 -4.63 0.56
N LYS A 78 -23.20 -3.37 0.80
CA LYS A 78 -24.17 -2.31 0.89
C LYS A 78 -24.69 -1.93 -0.49
N PHE A 79 -23.85 -2.01 -1.52
CA PHE A 79 -24.29 -1.72 -2.87
C PHE A 79 -25.17 -2.83 -3.42
N GLN A 80 -24.85 -4.09 -3.07
CA GLN A 80 -25.67 -5.20 -3.54
C GLN A 80 -27.03 -5.22 -2.86
N GLU A 81 -27.08 -4.87 -1.57
CA GLU A 81 -28.36 -4.82 -0.86
C GLU A 81 -29.25 -3.71 -1.42
N ALA A 82 -28.65 -2.59 -1.84
CA ALA A 82 -29.42 -1.51 -2.43
C ALA A 82 -29.89 -1.86 -3.84
N ARG A 83 -29.01 -2.46 -4.65
CA ARG A 83 -29.38 -2.81 -6.01
C ARG A 83 -30.54 -3.80 -6.03
N LYS A 84 -30.47 -4.84 -5.18
CA LYS A 84 -31.59 -5.77 -5.06
C LYS A 84 -32.86 -5.07 -4.61
N LEU A 85 -32.73 -4.05 -3.76
CA LEU A 85 -33.90 -3.30 -3.31
C LEU A 85 -34.51 -2.50 -4.44
N VAL A 86 -33.69 -2.06 -5.40
CA VAL A 86 -34.22 -1.37 -6.57
C VAL A 86 -35.01 -2.33 -7.45
N GLU A 87 -34.48 -3.54 -7.64
CA GLU A 87 -35.17 -4.51 -8.49
C GLU A 87 -36.49 -4.94 -7.86
N ARG A 88 -36.55 -5.04 -6.53
CA ARG A 88 -37.79 -5.41 -5.87
C ARG A 88 -38.80 -4.27 -5.89
N LEU A 89 -38.35 -3.04 -5.62
CA LEU A 89 -39.25 -1.90 -5.63
C LEU A 89 -39.83 -1.66 -7.02
N GLY A 90 -39.03 -1.91 -8.07
CA GLY A 90 -39.52 -1.70 -9.42
C GLY A 90 -40.55 -2.73 -9.84
N LEU A 91 -40.35 -3.99 -9.43
CA LEU A 91 -41.30 -5.04 -9.77
C LEU A 91 -42.59 -4.89 -8.98
N GLU A 92 -42.49 -4.52 -7.70
CA GLU A 92 -43.69 -4.27 -6.92
C GLU A 92 -44.44 -3.06 -7.45
N LYS A 93 -43.72 -2.12 -8.07
CA LYS A 93 -44.37 -0.95 -8.66
C LYS A 93 -45.12 -1.33 -9.94
N LEU A 94 -44.56 -2.24 -10.73
CA LEU A 94 -45.24 -2.70 -11.94
C LEU A 94 -46.45 -3.57 -11.59
N GLU A 95 -46.35 -4.36 -10.53
CA GLU A 95 -47.48 -5.19 -10.13
C GLU A 95 -48.59 -4.35 -9.50
N LEU A 96 -48.24 -3.20 -8.91
CA LEU A 96 -49.24 -2.28 -8.41
C LEU A 96 -49.90 -1.50 -9.54
N GLU A 97 -49.15 -1.17 -10.59
CA GLU A 97 -49.71 -0.43 -11.70
C GLU A 97 -50.62 -1.29 -12.56
N ASP A 98 -50.33 -2.59 -12.66
CA ASP A 98 -51.23 -3.49 -13.38
C ASP A 98 -52.53 -3.68 -12.62
N LYS A 99 -52.45 -3.75 -11.29
CA LYS A 99 -53.65 -3.91 -10.48
C LYS A 99 -54.53 -2.66 -10.53
N ASN A 100 -53.90 -1.48 -10.57
CA ASN A 100 -54.66 -0.24 -10.62
C ASN A 100 -55.38 -0.05 -11.95
N GLU A 101 -54.77 -0.53 -13.04
CA GLU A 101 -55.41 -0.42 -14.34
C GLU A 101 -56.55 -1.41 -14.49
N GLU A 102 -56.45 -2.57 -13.84
CA GLU A 102 -57.58 -3.49 -13.81
C GLU A 102 -58.73 -2.91 -13.00
N LEU A 103 -58.41 -2.19 -11.93
CA LEU A 103 -59.46 -1.59 -11.11
C LEU A 103 -60.19 -0.49 -11.87
N LEU A 104 -59.45 0.28 -12.68
CA LEU A 104 -60.09 1.33 -13.48
C LEU A 104 -61.03 0.74 -14.52
N SER A 105 -60.69 -0.44 -15.05
CA SER A 105 -61.60 -1.11 -15.98
C SER A 105 -62.89 -1.56 -15.29
N GLU A 106 -62.79 -1.95 -14.02
CA GLU A 106 -64.00 -2.29 -13.26
C GLU A 106 -64.82 -1.04 -12.95
N ILE A 107 -64.14 0.06 -12.63
CA ILE A 107 -64.83 1.32 -12.37
C ILE A 107 -65.51 1.81 -13.64
N ALA A 108 -64.82 1.75 -14.77
CA ALA A 108 -65.41 2.18 -16.03
C ALA A 108 -66.60 1.31 -16.42
N HIS A 109 -66.56 0.03 -16.05
CA HIS A 109 -67.70 -0.84 -16.31
C HIS A 109 -68.85 -0.53 -15.35
N LEU A 110 -68.54 -0.29 -14.08
CA LEU A 110 -69.57 0.07 -13.12
C LEU A 110 -70.22 1.41 -13.46
N LYS A 111 -69.45 2.35 -14.00
CA LYS A 111 -70.03 3.65 -14.36
C LYS A 111 -70.97 3.54 -15.55
N ASN A 112 -70.60 2.70 -16.53
CA ASN A 112 -71.51 2.46 -17.65
C ASN A 112 -72.78 1.77 -17.19
N GLU A 113 -72.66 0.83 -16.24
CA GLU A 113 -73.83 0.14 -15.73
C GLU A 113 -74.73 1.09 -14.95
N VAL A 114 -74.14 2.05 -14.23
CA VAL A 114 -74.94 3.02 -13.48
C VAL A 114 -75.74 3.90 -14.43
N ALA A 115 -75.10 4.38 -15.49
CA ALA A 115 -75.80 5.23 -16.45
C ALA A 115 -76.90 4.47 -17.17
N ARG A 116 -76.65 3.20 -17.51
CA ARG A 116 -77.68 2.40 -18.18
C ARG A 116 -78.90 2.21 -17.30
N LEU A 117 -78.68 1.99 -16.00
CA LEU A 117 -79.82 1.78 -15.10
C LEU A 117 -80.55 3.09 -14.82
N LYS A 118 -79.87 4.22 -14.92
CA LYS A 118 -80.54 5.48 -14.67
C LYS A 118 -81.43 5.90 -15.84
N LYS A 119 -81.08 5.52 -17.05
CA LYS A 119 -81.99 5.75 -18.17
C LYS A 119 -83.22 4.87 -18.04
N LEU A 120 -83.08 3.72 -17.36
CA LEU A 120 -84.22 2.84 -17.10
C LEU A 120 -85.16 3.43 -16.07
N VAL A 121 -84.63 4.17 -15.08
CA VAL A 121 -85.49 4.73 -14.04
C VAL A 121 -86.14 6.03 -14.47
N GLY A 122 -85.74 6.59 -15.60
CA GLY A 122 -86.39 7.78 -16.11
C GLY A 122 -87.41 7.40 -17.15
N GLU A 123 -88.21 6.38 -16.81
CA GLU A 123 -89.20 5.79 -17.70
C GLU A 123 -90.30 5.17 -16.86
N ARG A 124 -89.94 4.21 -16.00
CA ARG A 124 -90.83 3.58 -15.04
C ARG A 124 -91.75 4.58 -14.35
N GLY B 1 85.37 7.02 16.80
CA GLY B 1 85.95 5.69 16.96
C GLY B 1 85.59 5.05 18.29
N SER B 2 84.33 5.22 18.69
CA SER B 2 83.88 4.72 19.98
C SER B 2 83.74 3.20 19.97
N TRP B 3 83.14 2.66 18.91
CA TRP B 3 82.74 1.27 18.86
C TRP B 3 83.66 0.42 17.99
N SER B 4 83.83 -0.84 18.37
CA SER B 4 84.66 -1.79 17.67
C SER B 4 83.90 -2.39 16.48
N VAL B 5 84.62 -3.18 15.69
CA VAL B 5 84.01 -3.86 14.54
C VAL B 5 82.96 -4.86 15.01
N LYS B 6 83.25 -5.60 16.09
CA LYS B 6 82.29 -6.59 16.56
C LYS B 6 81.04 -5.95 17.15
N GLU B 7 81.19 -4.79 17.80
CA GLU B 7 80.02 -4.10 18.33
C GLU B 7 79.14 -3.54 17.22
N LEU B 8 79.77 -2.99 16.17
CA LEU B 8 79.00 -2.45 15.05
C LEU B 8 78.30 -3.55 14.26
N GLU B 9 78.90 -4.74 14.21
CA GLU B 9 78.27 -5.84 13.48
C GLU B 9 77.06 -6.39 14.24
N ASP B 10 77.19 -6.54 15.56
CA ASP B 10 76.04 -6.97 16.36
C ASP B 10 74.91 -5.96 16.29
N LYS B 11 75.25 -4.67 16.31
CA LYS B 11 74.24 -3.62 16.15
C LYS B 11 73.61 -3.69 14.76
N ASN B 12 74.41 -4.00 13.74
CA ASN B 12 73.89 -4.16 12.39
C ASN B 12 72.85 -5.27 12.33
N GLU B 13 73.13 -6.41 12.97
CA GLU B 13 72.14 -7.48 13.04
C GLU B 13 70.89 -7.03 13.80
N GLU B 14 71.08 -6.19 14.83
CA GLU B 14 69.96 -5.70 15.62
C GLU B 14 69.04 -4.83 14.77
N LEU B 15 69.61 -3.92 13.97
CA LEU B 15 68.79 -3.06 13.12
C LEU B 15 68.08 -3.86 12.04
N LEU B 16 68.70 -4.93 11.55
CA LEU B 16 68.07 -5.76 10.52
C LEU B 16 66.87 -6.52 11.07
N SER B 17 66.97 -7.02 12.31
CA SER B 17 65.84 -7.72 12.90
C SER B 17 64.66 -6.78 13.14
N GLU B 18 64.92 -5.48 13.34
CA GLU B 18 63.85 -4.52 13.48
C GLU B 18 63.21 -4.21 12.13
N ILE B 19 64.01 -4.23 11.06
CA ILE B 19 63.47 -4.03 9.72
C ILE B 19 62.60 -5.22 9.32
N ALA B 20 63.01 -6.43 9.70
CA ALA B 20 62.21 -7.61 9.38
C ALA B 20 60.88 -7.58 10.12
N HIS B 21 60.86 -7.07 11.34
CA HIS B 21 59.61 -6.94 12.08
C HIS B 21 58.72 -5.88 11.46
N LEU B 22 59.29 -4.73 11.12
CA LEU B 22 58.50 -3.67 10.50
C LEU B 22 57.98 -4.07 9.13
N LYS B 23 58.72 -4.91 8.41
CA LYS B 23 58.26 -5.34 7.09
C LYS B 23 57.09 -6.31 7.20
N ASN B 24 57.07 -7.14 8.24
CA ASN B 24 55.91 -8.00 8.46
C ASN B 24 54.69 -7.19 8.89
N GLU B 25 54.90 -6.08 9.59
CA GLU B 25 53.79 -5.23 9.99
C GLU B 25 53.19 -4.50 8.80
N VAL B 26 54.04 -3.99 7.91
CA VAL B 26 53.55 -3.28 6.73
C VAL B 26 52.75 -4.22 5.83
N ALA B 27 53.24 -5.44 5.63
CA ALA B 27 52.52 -6.40 4.80
C ALA B 27 51.24 -6.86 5.47
N ARG B 28 51.23 -6.91 6.81
CA ARG B 28 50.02 -7.29 7.53
C ARG B 28 48.98 -6.18 7.48
N LEU B 29 49.41 -4.93 7.62
CA LEU B 29 48.48 -3.81 7.59
C LEU B 29 47.94 -3.56 6.19
N LYS B 30 48.66 -3.97 5.15
CA LYS B 30 48.15 -3.81 3.80
C LYS B 30 47.08 -4.84 3.48
N LYS B 31 47.21 -6.06 4.03
CA LYS B 31 46.17 -7.06 3.86
C LYS B 31 44.89 -6.67 4.60
N LEU B 32 45.03 -6.07 5.78
CA LEU B 32 43.87 -5.62 6.53
C LEU B 32 43.17 -4.47 5.80
N LEU B 33 43.94 -3.48 5.34
CA LEU B 33 43.34 -2.35 4.64
C LEU B 33 42.72 -2.76 3.32
N GLN B 34 43.30 -3.74 2.64
CA GLN B 34 42.75 -4.19 1.37
C GLN B 34 41.48 -5.00 1.57
N ARG B 35 41.40 -5.76 2.67
CA ARG B 35 40.18 -6.49 2.97
C ARG B 35 39.06 -5.56 3.40
N CYS B 36 39.40 -4.52 4.15
CA CYS B 36 38.40 -3.56 4.62
C CYS B 36 37.86 -2.71 3.48
N LEU B 37 38.71 -2.35 2.52
CA LEU B 37 38.25 -1.59 1.36
C LEU B 37 37.34 -2.44 0.48
N ALA B 38 37.62 -3.74 0.36
CA ALA B 38 36.75 -4.62 -0.41
C ALA B 38 35.42 -4.85 0.29
N ALA B 39 35.43 -4.90 1.63
CA ALA B 39 34.18 -5.07 2.38
C ALA B 39 33.29 -3.83 2.25
N ASN B 40 33.90 -2.64 2.22
CA ASN B 40 33.11 -1.43 2.04
C ASN B 40 32.49 -1.36 0.66
N GLN B 41 33.16 -1.91 -0.35
CA GLN B 41 32.61 -1.91 -1.70
C GLN B 41 31.44 -2.87 -1.82
N GLU B 42 31.49 -4.00 -1.12
CA GLU B 42 30.34 -4.90 -1.13
C GLU B 42 29.14 -4.27 -0.43
N LEU B 43 29.40 -3.48 0.62
CA LEU B 43 28.31 -2.81 1.33
C LEU B 43 27.72 -1.68 0.49
N ARG B 44 28.55 -0.95 -0.26
CA ARG B 44 28.02 0.13 -1.08
C ARG B 44 27.33 -0.39 -2.34
N ASP B 45 27.76 -1.54 -2.85
CA ASP B 45 27.09 -2.13 -4.01
C ASP B 45 25.74 -2.71 -3.63
N ALA B 46 25.61 -3.23 -2.41
CA ALA B 46 24.33 -3.77 -1.96
C ALA B 46 23.39 -2.66 -1.51
N ARG B 48 23.20 0.27 -2.85
CA ARG B 48 22.66 0.87 -4.06
C ARG B 48 21.57 -0.01 -4.68
N GLN B 49 21.69 -1.33 -4.56
CA GLN B 49 20.65 -2.21 -5.06
C GLN B 49 19.38 -2.10 -4.23
N SER B 50 19.53 -1.99 -2.90
CA SER B 50 18.37 -1.82 -2.04
C SER B 50 17.64 -0.52 -2.33
N ASN B 51 18.40 0.57 -2.51
CA ASN B 51 17.77 1.86 -2.81
C ASN B 51 17.09 1.87 -4.17
N GLN B 52 17.61 1.10 -5.14
CA GLN B 52 16.96 1.03 -6.43
C GLN B 52 15.70 0.19 -6.38
N ILE B 53 15.72 -0.90 -5.60
CA ILE B 53 14.53 -1.69 -5.38
C ILE B 53 13.52 -0.92 -4.53
N LEU B 54 14.00 -0.18 -3.54
CA LEU B 54 13.12 0.64 -2.71
C LEU B 54 12.50 1.76 -3.53
N ARG B 55 13.18 2.22 -4.57
CA ARG B 55 12.65 3.30 -5.40
C ARG B 55 11.59 2.78 -6.38
N GLU B 56 11.79 1.59 -6.92
CA GLU B 56 10.79 1.00 -7.80
C GLU B 56 9.50 0.67 -7.04
N ARG B 57 9.63 0.09 -5.84
CA ARG B 57 8.46 -0.33 -5.08
C ARG B 57 7.67 0.86 -4.53
N ALA B 58 8.31 2.02 -4.35
CA ALA B 58 7.58 3.19 -3.93
C ALA B 58 6.80 3.81 -5.10
N GLU B 59 7.28 3.59 -6.32
CA GLU B 59 6.59 4.09 -7.50
C GLU B 59 5.46 3.16 -7.92
N GLU B 60 5.62 1.85 -7.71
CA GLU B 60 4.54 0.92 -8.00
C GLU B 60 3.44 0.97 -6.93
N LEU B 61 3.79 1.39 -5.71
CA LEU B 61 2.78 1.59 -4.69
C LEU B 61 2.04 2.91 -4.87
N LEU B 62 2.71 3.92 -5.42
CA LEU B 62 2.05 5.21 -5.62
C LEU B 62 0.99 5.13 -6.70
N HIS B 63 1.25 4.37 -7.76
CA HIS B 63 0.27 4.19 -8.83
C HIS B 63 -0.76 3.13 -8.51
N PHE B 64 -0.45 2.19 -7.62
CA PHE B 64 -1.43 1.18 -7.22
C PHE B 64 -2.51 1.79 -6.32
N GLN B 65 -2.11 2.65 -5.39
CA GLN B 65 -3.08 3.31 -4.53
C GLN B 65 -3.99 4.26 -5.30
N ALA B 66 -3.48 4.88 -6.38
CA ALA B 66 -4.33 5.76 -7.17
C ALA B 66 -5.46 5.01 -7.86
N SER B 67 -5.23 3.76 -8.24
CA SER B 67 -6.31 2.95 -8.81
C SER B 67 -7.25 2.45 -7.72
N GLN B 68 -6.71 2.11 -6.55
CA GLN B 68 -7.55 1.72 -5.43
C GLN B 68 -8.45 2.87 -5.00
N ARG B 69 -7.94 4.10 -5.04
CA ARG B 69 -8.76 5.24 -4.70
C ARG B 69 -9.85 5.49 -5.73
N GLU B 70 -9.56 5.22 -7.01
CA GLU B 70 -10.53 5.44 -8.07
C GLU B 70 -11.56 4.33 -8.14
N GLU B 71 -11.20 3.11 -7.75
CA GLU B 71 -12.21 2.06 -7.65
C GLU B 71 -13.10 2.29 -6.44
N LYS B 72 -12.53 2.89 -5.39
CA LYS B 72 -13.34 3.23 -4.23
C LYS B 72 -14.26 4.39 -4.54
N GLU B 73 -13.84 5.30 -5.42
CA GLU B 73 -14.73 6.37 -5.87
C GLU B 73 -15.86 5.84 -6.75
N PHE B 74 -15.58 4.83 -7.57
CA PHE B 74 -16.56 4.38 -8.55
C PHE B 74 -17.58 3.42 -7.97
N LEU B 75 -17.17 2.54 -7.05
CA LEU B 75 -18.13 1.67 -6.38
C LEU B 75 -18.99 2.44 -5.39
N SER B 77 -19.78 5.82 -5.80
CA SER B 77 -20.66 6.70 -6.56
C SER B 77 -21.84 5.92 -7.15
N LYS B 78 -21.67 4.60 -7.34
CA LYS B 78 -22.79 3.75 -7.76
C LYS B 78 -23.75 3.47 -6.62
N PHE B 79 -23.23 3.38 -5.39
CA PHE B 79 -24.09 3.14 -4.23
C PHE B 79 -24.90 4.38 -3.89
N GLN B 80 -24.35 5.57 -4.13
CA GLN B 80 -25.07 6.81 -3.87
C GLN B 80 -26.23 6.99 -4.85
N GLU B 81 -26.02 6.60 -6.11
CA GLU B 81 -27.08 6.68 -7.11
C GLU B 81 -28.18 5.67 -6.84
N ALA B 82 -27.83 4.50 -6.30
CA ALA B 82 -28.84 3.50 -5.99
C ALA B 82 -29.71 3.93 -4.82
N ARG B 83 -29.11 4.52 -3.78
CA ARG B 83 -29.88 5.01 -2.64
C ARG B 83 -30.89 6.07 -3.08
N LYS B 84 -30.44 7.00 -3.94
CA LYS B 84 -31.37 8.01 -4.48
C LYS B 84 -32.50 7.35 -5.24
N LEU B 85 -32.20 6.26 -5.95
CA LEU B 85 -33.22 5.53 -6.69
C LEU B 85 -34.17 4.77 -5.78
N VAL B 86 -33.68 4.30 -4.63
CA VAL B 86 -34.55 3.60 -3.68
C VAL B 86 -35.55 4.55 -3.05
N GLU B 87 -35.08 5.73 -2.63
CA GLU B 87 -35.96 6.70 -1.98
C GLU B 87 -37.01 7.23 -2.95
N ARG B 88 -36.65 7.36 -4.23
CA ARG B 88 -37.62 7.84 -5.22
C ARG B 88 -38.67 6.78 -5.51
N LEU B 89 -38.24 5.52 -5.69
CA LEU B 89 -39.19 4.43 -5.90
C LEU B 89 -40.08 4.21 -4.68
N GLY B 90 -39.56 4.47 -3.48
CA GLY B 90 -40.35 4.28 -2.28
C GLY B 90 -41.52 5.24 -2.21
N LEU B 91 -41.32 6.48 -2.65
CA LEU B 91 -42.42 7.44 -2.67
C LEU B 91 -43.44 7.09 -3.74
N GLU B 92 -42.96 6.64 -4.91
CA GLU B 92 -43.87 6.24 -5.97
C GLU B 92 -44.66 5.00 -5.62
N LYS B 93 -44.11 4.12 -4.79
CA LYS B 93 -44.83 2.93 -4.35
C LYS B 93 -45.89 3.28 -3.30
N LEU B 94 -45.60 4.27 -2.46
CA LEU B 94 -46.56 4.66 -1.43
C LEU B 94 -47.78 5.35 -2.04
N GLU B 95 -47.58 6.17 -3.06
CA GLU B 95 -48.71 6.81 -3.72
C GLU B 95 -49.48 5.86 -4.63
N LEU B 96 -48.84 4.79 -5.10
CA LEU B 96 -49.60 3.79 -5.84
C LEU B 96 -50.46 2.97 -4.89
N GLU B 97 -49.99 2.77 -3.65
CA GLU B 97 -50.78 2.05 -2.67
C GLU B 97 -51.94 2.89 -2.16
N ASP B 98 -51.75 4.22 -2.09
CA ASP B 98 -52.85 5.10 -1.72
C ASP B 98 -53.89 5.17 -2.81
N LYS B 99 -53.45 5.17 -4.08
CA LYS B 99 -54.39 5.15 -5.19
C LYS B 99 -55.14 3.83 -5.24
N ASN B 100 -54.48 2.72 -4.87
CA ASN B 100 -55.15 1.43 -4.88
C ASN B 100 -56.22 1.35 -3.81
N GLU B 101 -56.00 1.97 -2.66
CA GLU B 101 -57.01 2.01 -1.61
C GLU B 101 -58.12 2.99 -1.96
N GLU B 102 -57.78 4.05 -2.69
CA GLU B 102 -58.79 4.98 -3.19
C GLU B 102 -59.70 4.31 -4.22
N LEU B 103 -59.11 3.46 -5.07
CA LEU B 103 -59.90 2.80 -6.11
C LEU B 103 -60.82 1.73 -5.53
N LEU B 104 -60.37 0.98 -4.52
CA LEU B 104 -61.20 -0.07 -3.95
C LEU B 104 -62.42 0.50 -3.22
N SER B 105 -62.26 1.67 -2.58
CA SER B 105 -63.40 2.32 -1.96
C SER B 105 -64.40 2.81 -2.99
N GLU B 106 -63.92 3.23 -4.16
CA GLU B 106 -64.81 3.69 -5.22
C GLU B 106 -65.60 2.52 -5.82
N ILE B 107 -64.96 1.36 -5.97
CA ILE B 107 -65.63 0.19 -6.53
C ILE B 107 -66.74 -0.27 -5.62
N ALA B 108 -66.47 -0.35 -4.31
CA ALA B 108 -67.47 -0.82 -3.37
C ALA B 108 -68.67 0.11 -3.30
N HIS B 109 -68.46 1.41 -3.48
CA HIS B 109 -69.57 2.35 -3.49
C HIS B 109 -70.37 2.25 -4.78
N LEU B 110 -69.70 2.09 -5.92
CA LEU B 110 -70.40 1.95 -7.20
C LEU B 110 -71.23 0.67 -7.24
N LYS B 111 -70.74 -0.40 -6.61
CA LYS B 111 -71.51 -1.65 -6.61
C LYS B 111 -72.76 -1.54 -5.76
N ASN B 112 -72.67 -0.83 -4.62
CA ASN B 112 -73.86 -0.59 -3.82
C ASN B 112 -74.88 0.26 -4.58
N GLU B 113 -74.40 1.24 -5.34
CA GLU B 113 -75.31 2.06 -6.13
C GLU B 113 -75.95 1.26 -7.26
N VAL B 114 -75.21 0.32 -7.85
CA VAL B 114 -75.75 -0.51 -8.91
C VAL B 114 -76.87 -1.39 -8.39
N ALA B 115 -76.66 -2.00 -7.21
CA ALA B 115 -77.70 -2.84 -6.62
C ALA B 115 -78.94 -2.03 -6.28
N ARG B 116 -78.76 -0.81 -5.77
CA ARG B 116 -79.90 0.04 -5.46
C ARG B 116 -80.64 0.43 -6.73
N LEU B 117 -79.92 0.69 -7.83
CA LEU B 117 -80.60 1.06 -9.07
C LEU B 117 -81.28 -0.13 -9.71
N LYS B 118 -80.78 -1.35 -9.47
CA LYS B 118 -81.43 -2.54 -10.01
C LYS B 118 -82.71 -2.87 -9.25
N LYS B 119 -82.75 -2.54 -7.96
CA LYS B 119 -83.96 -2.73 -7.17
C LYS B 119 -85.06 -1.74 -7.57
N LEU B 120 -84.68 -0.58 -8.11
CA LEU B 120 -85.70 0.37 -8.55
C LEU B 120 -86.39 -0.10 -9.83
N VAL B 121 -85.63 -0.66 -10.78
CA VAL B 121 -86.22 -1.18 -12.01
C VAL B 121 -86.60 -2.64 -11.91
N GLY B 122 -86.21 -3.33 -10.84
CA GLY B 122 -86.57 -4.73 -10.69
C GLY B 122 -85.82 -5.63 -11.66
N GLU B 123 -84.49 -5.47 -11.72
CA GLU B 123 -83.69 -6.20 -12.71
C GLU B 123 -83.02 -7.43 -12.12
#